data_1BYV
#
_entry.id   1BYV
#
_cell.length_a   1.000
_cell.length_b   1.000
_cell.length_c   1.000
_cell.angle_alpha   90.00
_cell.angle_beta   90.00
_cell.angle_gamma   90.00
#
_symmetry.space_group_name_H-M   'P 1'
#
loop_
_entity.id
_entity.type
_entity.pdbx_description
1 polymer 'PROTEIN (CALCITONIN)'
2 non-polymer 2-acetamido-2-deoxy-beta-D-glucopyranose
#
_entity_poly.entity_id   1
_entity_poly.type   'polypeptide(L)'
_entity_poly.pdbx_seq_one_letter_code
;CSNLSTCVLGKLSQELHKLQTYPRTDVGAGTP(NH2)
;
_entity_poly.pdbx_strand_id   A
#
loop_
_chem_comp.id
_chem_comp.type
_chem_comp.name
_chem_comp.formula
NAG D-saccharide, beta linking 2-acetamido-2-deoxy-beta-D-glucopyranose 'C8 H15 N O6'
NH2 non-polymer 'AMINO GROUP' 'H2 N'
#
# COMPACT_ATOMS: atom_id res chain seq x y z
N CYS A 1 -3.12 -1.68 -15.05
CA CYS A 1 -1.78 -2.27 -15.32
C CYS A 1 -1.58 -2.60 -16.78
N SER A 2 -0.30 -2.79 -17.16
CA SER A 2 0.12 -3.20 -18.49
C SER A 2 1.50 -3.87 -18.45
N ASN A 3 2.39 -3.43 -17.55
CA ASN A 3 3.74 -3.96 -17.42
C ASN A 3 3.73 -5.43 -17.01
N LEU A 4 2.92 -5.76 -15.98
CA LEU A 4 2.87 -7.05 -15.33
C LEU A 4 4.22 -7.40 -14.69
N SER A 5 4.83 -6.41 -14.03
CA SER A 5 6.11 -6.51 -13.34
C SER A 5 6.28 -5.26 -12.47
N THR A 6 6.40 -4.09 -13.12
CA THR A 6 6.29 -2.79 -12.45
C THR A 6 4.88 -2.61 -11.88
N CYS A 7 3.87 -3.22 -12.51
CA CYS A 7 2.52 -3.36 -11.97
C CYS A 7 2.58 -3.98 -10.58
N VAL A 8 3.15 -5.18 -10.48
CA VAL A 8 3.19 -5.99 -9.27
C VAL A 8 3.95 -5.24 -8.17
N LEU A 9 5.20 -4.86 -8.45
CA LEU A 9 6.09 -4.17 -7.52
C LEU A 9 5.48 -2.86 -7.03
N GLY A 10 4.96 -2.03 -7.95
CA GLY A 10 4.34 -0.76 -7.64
C GLY A 10 3.09 -0.94 -6.77
N LYS A 11 2.25 -1.93 -7.09
CA LYS A 11 1.00 -2.20 -6.39
C LYS A 11 1.26 -2.58 -4.94
N LEU A 12 2.11 -3.59 -4.69
CA LEU A 12 2.39 -4.06 -3.34
C LEU A 12 3.14 -3.01 -2.52
N SER A 13 4.02 -2.22 -3.16
CA SER A 13 4.74 -1.14 -2.50
C SER A 13 3.76 -0.07 -2.01
N GLN A 14 2.87 0.40 -2.91
CA GLN A 14 1.83 1.36 -2.61
C GLN A 14 0.90 0.87 -1.50
N GLU A 15 0.53 -0.42 -1.54
CA GLU A 15 -0.31 -1.05 -0.52
C GLU A 15 0.36 -0.99 0.84
N LEU A 16 1.64 -1.37 0.91
CA LEU A 16 2.41 -1.36 2.16
C LEU A 16 2.54 0.06 2.72
N HIS A 17 2.64 1.08 1.86
CA HIS A 17 2.67 2.48 2.28
C HIS A 17 1.32 2.92 2.84
N LYS A 18 0.23 2.54 2.15
CA LYS A 18 -1.12 2.94 2.47
C LYS A 18 -1.56 2.33 3.80
N LEU A 19 -1.58 0.99 3.89
CA LEU A 19 -2.00 0.26 5.06
C LEU A 19 -0.96 0.42 6.17
N GLN A 20 0.26 -0.08 5.92
CA GLN A 20 1.40 0.02 6.82
C GLN A 20 1.09 -0.57 8.20
N THR A 21 0.40 -1.72 8.21
CA THR A 21 -0.06 -2.42 9.40
C THR A 21 -0.97 -1.54 10.26
N TYR A 22 -1.74 -0.65 9.61
CA TYR A 22 -2.77 0.19 10.21
C TYR A 22 -2.27 0.97 11.44
N PRO A 23 -1.52 2.08 11.25
CA PRO A 23 -1.01 2.89 12.33
C PRO A 23 -2.11 3.85 12.82
N ARG A 24 -3.13 3.28 13.49
CA ARG A 24 -4.27 4.03 14.00
C ARG A 24 -3.82 4.93 15.16
N THR A 25 -3.22 4.33 16.18
CA THR A 25 -2.65 5.01 17.33
C THR A 25 -1.46 4.17 17.82
N ASP A 26 -0.38 4.85 18.25
CA ASP A 26 0.83 4.22 18.75
C ASP A 26 1.46 5.12 19.80
N VAL A 27 1.10 4.90 21.06
CA VAL A 27 1.59 5.66 22.21
C VAL A 27 1.54 4.80 23.48
N GLY A 28 0.44 4.06 23.68
CA GLY A 28 0.22 3.25 24.85
C GLY A 28 -1.17 2.65 24.83
N ALA A 29 -2.19 3.52 24.70
CA ALA A 29 -3.60 3.13 24.64
C ALA A 29 -3.88 2.28 23.40
N GLY A 30 -3.50 2.79 22.22
CA GLY A 30 -3.71 2.10 20.95
C GLY A 30 -5.19 2.11 20.57
N THR A 31 -5.81 3.30 20.53
CA THR A 31 -7.21 3.47 20.22
C THR A 31 -7.46 3.28 18.71
N PRO A 32 -8.64 2.79 18.32
CA PRO A 32 -9.01 2.64 16.91
C PRO A 32 -9.25 4.00 16.25
N NH2 A 33 -9.90 4.93 16.96
HN1 NH2 A 33 -10.22 4.72 17.90
HN2 NH2 A 33 -10.08 5.84 16.56
C1 NAG B . 2.95 -0.20 -14.65
C2 NAG B . 1.54 0.08 -15.16
C3 NAG B . 0.87 1.27 -14.47
C4 NAG B . 0.97 1.13 -12.95
C5 NAG B . 2.44 0.94 -12.56
C6 NAG B . 2.65 0.82 -11.05
C7 NAG B . 2.17 1.26 -17.27
C8 NAG B . 2.04 1.27 -18.78
N2 NAG B . 1.54 0.27 -16.61
O3 NAG B . -0.49 1.35 -14.85
O4 NAG B . 0.44 2.27 -12.32
O5 NAG B . 2.94 -0.24 -13.21
O6 NAG B . 1.89 -0.23 -10.51
O7 NAG B . 2.84 2.13 -16.70
H1 NAG B . 3.66 0.59 -14.95
H2 NAG B . 0.96 -0.81 -14.92
H3 NAG B . 1.39 2.20 -14.75
H4 NAG B . 0.40 0.23 -12.64
H5 NAG B . 3.02 1.79 -12.93
H61 NAG B . 2.37 1.76 -10.58
H62 NAG B . 3.72 0.64 -10.87
H81 NAG B . 2.57 0.43 -19.20
H82 NAG B . 0.98 1.21 -19.05
H83 NAG B . 2.44 2.20 -19.18
HN2 NAG B . 1.01 -0.40 -17.15
HO3 NAG B . -0.54 1.46 -15.82
HO4 NAG B . 0.46 2.14 -11.36
HO6 NAG B . 2.07 -0.28 -9.56
N CYS A 1 -2.38 -1.75 -16.75
CA CYS A 1 -0.97 -2.11 -16.50
C CYS A 1 -0.29 -2.71 -17.73
N SER A 2 -0.79 -3.88 -18.16
CA SER A 2 -0.29 -4.68 -19.28
C SER A 2 1.00 -5.42 -18.92
N ASN A 3 2.03 -4.70 -18.46
CA ASN A 3 3.32 -5.27 -18.11
C ASN A 3 3.22 -6.24 -16.93
N LEU A 4 2.48 -5.86 -15.88
CA LEU A 4 2.29 -6.65 -14.67
C LEU A 4 3.64 -7.04 -14.06
N SER A 5 4.49 -6.04 -13.81
CA SER A 5 5.83 -6.21 -13.28
C SER A 5 6.23 -4.94 -12.54
N THR A 6 6.42 -3.85 -13.29
CA THR A 6 6.57 -2.50 -12.74
C THR A 6 5.28 -2.13 -12.01
N CYS A 7 4.14 -2.44 -12.63
CA CYS A 7 2.81 -2.34 -12.05
C CYS A 7 2.73 -3.10 -10.72
N VAL A 8 3.09 -4.39 -10.72
CA VAL A 8 3.02 -5.25 -9.55
C VAL A 8 3.85 -4.68 -8.39
N LEU A 9 5.12 -4.35 -8.65
CA LEU A 9 6.03 -3.72 -7.70
C LEU A 9 5.43 -2.41 -7.15
N GLY A 10 4.80 -1.62 -8.02
CA GLY A 10 4.15 -0.37 -7.67
C GLY A 10 3.02 -0.59 -6.66
N LYS A 11 2.09 -1.50 -6.97
CA LYS A 11 0.90 -1.76 -6.17
C LYS A 11 1.24 -2.36 -4.81
N LEU A 12 2.14 -3.36 -4.74
CA LEU A 12 2.51 -3.97 -3.48
C LEU A 12 3.24 -2.96 -2.57
N SER A 13 4.07 -2.08 -3.14
CA SER A 13 4.71 -1.02 -2.40
C SER A 13 3.67 -0.04 -1.86
N GLN A 14 2.72 0.37 -2.72
CA GLN A 14 1.68 1.33 -2.41
C GLN A 14 0.81 0.86 -1.23
N GLU A 15 0.28 -0.37 -1.30
CA GLU A 15 -0.64 -0.90 -0.32
C GLU A 15 0.04 -1.14 1.04
N LEU A 16 1.29 -1.62 1.04
CA LEU A 16 2.05 -1.82 2.26
C LEU A 16 2.37 -0.48 2.93
N HIS A 17 2.69 0.55 2.14
CA HIS A 17 2.92 1.90 2.66
C HIS A 17 1.63 2.50 3.23
N LYS A 18 0.51 2.35 2.50
CA LYS A 18 -0.78 2.91 2.85
C LYS A 18 -1.30 2.31 4.16
N LEU A 19 -1.49 0.98 4.18
CA LEU A 19 -2.03 0.26 5.32
C LEU A 19 -1.00 0.20 6.44
N GLN A 20 0.16 -0.40 6.15
CA GLN A 20 1.28 -0.58 7.07
C GLN A 20 0.85 -1.26 8.37
N THR A 21 0.05 -2.32 8.23
CA THR A 21 -0.53 -3.09 9.31
C THR A 21 -1.33 -2.20 10.27
N TYR A 22 -2.23 -1.37 9.70
CA TYR A 22 -3.27 -0.61 10.40
C TYR A 22 -2.78 0.02 11.72
N PRO A 23 -1.89 1.03 11.69
CA PRO A 23 -1.39 1.68 12.89
C PRO A 23 -2.54 2.37 13.63
N ARG A 24 -3.35 3.16 12.90
CA ARG A 24 -4.67 3.56 13.35
C ARG A 24 -5.59 2.37 13.06
N THR A 25 -5.91 1.59 14.10
CA THR A 25 -6.67 0.35 13.99
C THR A 25 -8.10 0.63 13.53
N ASP A 26 -8.90 1.26 14.39
CA ASP A 26 -10.31 1.58 14.18
C ASP A 26 -11.19 0.33 14.17
N VAL A 27 -12.34 0.38 14.87
CA VAL A 27 -13.31 -0.69 14.86
C VAL A 27 -14.05 -0.67 13.51
N GLY A 28 -14.97 0.29 13.34
CA GLY A 28 -15.81 0.40 12.15
C GLY A 28 -16.88 -0.68 12.16
N ALA A 29 -16.47 -1.91 11.80
CA ALA A 29 -17.28 -3.11 11.88
C ALA A 29 -16.35 -4.29 12.12
N GLY A 30 -15.72 -4.29 13.30
CA GLY A 30 -14.69 -5.26 13.68
C GLY A 30 -13.31 -4.76 13.24
N THR A 31 -12.33 -4.82 14.14
CA THR A 31 -10.99 -4.29 13.91
C THR A 31 -10.26 -5.09 12.82
N PRO A 32 -9.46 -4.42 11.97
CA PRO A 32 -8.64 -5.07 10.95
C PRO A 32 -7.46 -5.80 11.59
N NH2 A 33 -6.81 -6.67 10.82
HN1 NH2 A 33 -7.10 -6.82 9.87
HN2 NH2 A 33 -6.00 -7.17 11.18
C1 NAG B . 3.50 -0.93 -16.11
C2 NAG B . 4.40 0.17 -16.70
C3 NAG B . 4.42 1.38 -15.78
C4 NAG B . 3.00 1.87 -15.56
C5 NAG B . 2.11 0.73 -15.03
C6 NAG B . 0.65 1.16 -14.86
C7 NAG B . 6.21 -0.84 -18.05
C8 NAG B . 7.66 -1.33 -18.05
N2 NAG B . 5.76 -0.33 -16.90
O3 NAG B . 5.21 2.41 -16.34
O4 NAG B . 3.00 2.94 -14.65
O5 NAG B . 2.18 -0.40 -15.92
O6 NAG B . 0.08 1.52 -16.09
O7 NAG B . 5.52 -0.95 -19.06
H1 NAG B . 3.88 -1.21 -15.12
H2 NAG B . 3.98 0.48 -17.67
H3 NAG B . 4.84 1.07 -14.81
H4 NAG B . 2.60 2.21 -16.52
H5 NAG B . 2.50 0.40 -14.06
H61 NAG B . 0.60 2.01 -14.16
H62 NAG B . 0.10 0.33 -14.42
H81 NAG B . 8.31 -0.53 -17.71
H82 NAG B . 7.75 -2.19 -17.39
H83 NAG B . 7.95 -1.61 -19.06
HN2 NAG B . 6.40 -0.26 -16.12
HO3 NAG B . 4.84 2.66 -17.20
HO4 NAG B . 2.10 3.31 -14.57
HO6 NAG B . 0.55 2.28 -16.44
N CYS A 1 -0.30 -1.19 -15.86
CA CYS A 1 -0.47 -2.65 -15.95
C CYS A 1 -0.50 -3.11 -17.41
N SER A 2 0.66 -3.53 -17.90
CA SER A 2 0.90 -4.00 -19.26
C SER A 2 2.06 -5.00 -19.23
N ASN A 3 3.17 -4.63 -18.58
CA ASN A 3 4.21 -5.56 -18.17
C ASN A 3 3.66 -6.59 -17.18
N LEU A 4 2.81 -6.12 -16.26
CA LEU A 4 2.32 -6.87 -15.10
C LEU A 4 3.51 -7.29 -14.23
N SER A 5 4.35 -6.30 -13.89
CA SER A 5 5.58 -6.49 -13.14
C SER A 5 5.94 -5.15 -12.48
N THR A 6 6.12 -4.10 -13.30
CA THR A 6 6.31 -2.74 -12.83
C THR A 6 5.06 -2.25 -12.09
N CYS A 7 3.89 -2.52 -12.68
CA CYS A 7 2.59 -2.22 -12.09
C CYS A 7 2.41 -2.98 -10.78
N VAL A 8 2.71 -4.28 -10.77
CA VAL A 8 2.60 -5.15 -9.61
C VAL A 8 3.44 -4.60 -8.44
N LEU A 9 4.70 -4.21 -8.72
CA LEU A 9 5.59 -3.57 -7.77
C LEU A 9 4.92 -2.31 -7.19
N GLY A 10 4.39 -1.45 -8.07
CA GLY A 10 3.68 -0.24 -7.70
C GLY A 10 2.53 -0.51 -6.73
N LYS A 11 1.69 -1.51 -7.03
CA LYS A 11 0.51 -1.85 -6.26
C LYS A 11 0.89 -2.34 -4.85
N LEU A 12 1.78 -3.33 -4.74
CA LEU A 12 2.18 -3.87 -3.44
C LEU A 12 2.95 -2.86 -2.60
N SER A 13 3.72 -1.96 -3.24
CA SER A 13 4.43 -0.89 -2.57
C SER A 13 3.46 0.14 -1.99
N GLN A 14 2.47 0.57 -2.79
CA GLN A 14 1.42 1.48 -2.39
C GLN A 14 0.61 0.91 -1.22
N GLU A 15 0.23 -0.37 -1.32
CA GLU A 15 -0.51 -1.08 -0.29
C GLU A 15 0.28 -1.13 1.02
N LEU A 16 1.54 -1.56 0.96
CA LEU A 16 2.42 -1.68 2.10
C LEU A 16 2.60 -0.34 2.80
N HIS A 17 2.88 0.72 2.03
CA HIS A 17 3.01 2.08 2.55
C HIS A 17 1.73 2.53 3.25
N LYS A 18 0.58 2.34 2.59
CA LYS A 18 -0.72 2.77 3.10
C LYS A 18 -1.01 2.17 4.47
N LEU A 19 -0.92 0.83 4.60
CA LEU A 19 -1.21 0.15 5.86
C LEU A 19 -0.15 0.41 6.92
N GLN A 20 1.11 0.67 6.52
CA GLN A 20 2.19 0.97 7.44
C GLN A 20 1.93 2.31 8.13
N THR A 21 1.72 3.37 7.35
CA THR A 21 1.46 4.71 7.84
C THR A 21 0.11 4.80 8.55
N TYR A 22 -0.92 4.17 7.97
CA TYR A 22 -2.30 4.26 8.42
C TYR A 22 -2.93 2.86 8.36
N PRO A 23 -2.72 2.00 9.37
CA PRO A 23 -3.36 0.70 9.44
C PRO A 23 -4.86 0.84 9.70
N ARG A 24 -5.25 1.83 10.54
CA ARG A 24 -6.62 2.16 10.85
C ARG A 24 -6.70 3.63 11.27
N THR A 25 -7.84 4.06 11.79
CA THR A 25 -8.04 5.39 12.35
C THR A 25 -7.18 5.53 13.61
N ASP A 26 -6.10 6.31 13.51
CA ASP A 26 -5.14 6.54 14.59
C ASP A 26 -4.82 8.03 14.67
N VAL A 27 -4.33 8.46 15.85
CA VAL A 27 -3.96 9.85 16.12
C VAL A 27 -2.94 9.87 17.26
N GLY A 28 -2.02 10.84 17.23
CA GLY A 28 -0.98 10.99 18.22
C GLY A 28 -0.22 12.30 17.99
N ALA A 29 -0.85 13.42 18.37
CA ALA A 29 -0.28 14.76 18.26
C ALA A 29 -0.89 15.68 19.31
N GLY A 30 -0.18 16.78 19.62
CA GLY A 30 -0.65 17.80 20.54
C GLY A 30 -1.89 18.50 20.01
N THR A 31 -1.86 18.91 18.74
CA THR A 31 -2.98 19.51 18.03
C THR A 31 -3.10 18.81 16.68
N PRO A 32 -3.88 17.71 16.59
CA PRO A 32 -4.10 16.96 15.36
C PRO A 32 -4.65 17.82 14.22
N NH2 A 33 -4.31 17.47 12.98
HN1 NH2 A 33 -4.64 18.01 12.19
HN2 NH2 A 33 -3.71 16.66 12.83
C1 NAG B . 6.96 -1.52 -18.64
C2 NAG B . 5.92 -0.56 -19.21
C3 NAG B . 6.60 0.68 -19.83
C4 NAG B . 7.53 1.32 -18.80
C5 NAG B . 8.53 0.29 -18.29
C6 NAG B . 9.48 0.87 -17.23
C7 NAG B . 5.44 -1.76 -21.33
C8 NAG B . 4.35 -2.44 -22.16
N2 NAG B . 5.05 -1.21 -20.17
O3 NAG B . 5.63 1.60 -20.27
O4 NAG B . 8.21 2.41 -19.40
O5 NAG B . 7.82 -0.83 -17.73
O6 NAG B . 10.38 -0.12 -16.78
O7 NAG B . 6.60 -1.74 -21.75
H1 NAG B . 7.60 -1.93 -19.43
H2 NAG B . 5.31 -0.21 -18.37
H3 NAG B . 7.22 0.35 -20.68
H4 NAG B . 6.93 1.68 -17.96
H5 NAG B . 9.13 -0.09 -19.13
H61 NAG B . 8.88 1.22 -16.38
H62 NAG B . 10.04 1.69 -17.67
H81 NAG B . 3.97 -3.30 -21.62
H82 NAG B . 3.54 -1.73 -22.34
H83 NAG B . 4.75 -2.76 -23.12
HN2 NAG B . 4.08 -1.29 -19.92
HO3 NAG B . 5.05 1.18 -20.93
HO4 NAG B . 8.74 2.08 -20.15
HO6 NAG B . 10.88 -0.44 -17.53
N CYS A 1 -1.32 -0.31 -16.45
CA CYS A 1 -0.85 -1.65 -16.10
C CYS A 1 -0.99 -2.60 -17.28
N SER A 2 0.11 -3.25 -17.70
CA SER A 2 0.14 -4.14 -18.86
C SER A 2 1.16 -5.26 -18.63
N ASN A 3 2.44 -4.89 -18.46
CA ASN A 3 3.55 -5.81 -18.29
C ASN A 3 3.43 -6.66 -17.02
N LEU A 4 2.75 -6.16 -15.98
CA LEU A 4 2.59 -6.84 -14.70
C LEU A 4 3.96 -7.16 -14.10
N SER A 5 4.75 -6.11 -13.85
CA SER A 5 6.08 -6.20 -13.28
C SER A 5 6.36 -4.91 -12.52
N THR A 6 6.48 -3.78 -13.24
CA THR A 6 6.54 -2.46 -12.66
C THR A 6 5.21 -2.12 -12.01
N CYS A 7 4.10 -2.49 -12.66
CA CYS A 7 2.75 -2.41 -12.14
C CYS A 7 2.64 -3.18 -10.81
N VAL A 8 3.11 -4.43 -10.78
CA VAL A 8 3.04 -5.29 -9.61
C VAL A 8 3.83 -4.70 -8.44
N LEU A 9 5.09 -4.34 -8.69
CA LEU A 9 5.96 -3.72 -7.69
C LEU A 9 5.35 -2.43 -7.14
N GLY A 10 4.79 -1.58 -8.02
CA GLY A 10 4.12 -0.35 -7.65
C GLY A 10 2.91 -0.61 -6.76
N LYS A 11 2.09 -1.61 -7.12
CA LYS A 11 0.86 -1.95 -6.42
C LYS A 11 1.14 -2.43 -5.00
N LEU A 12 2.03 -3.41 -4.83
CA LEU A 12 2.35 -3.95 -3.52
C LEU A 12 3.08 -2.92 -2.64
N SER A 13 3.93 -2.08 -3.24
CA SER A 13 4.62 -1.01 -2.53
C SER A 13 3.61 -0.01 -1.97
N GLN A 14 2.66 0.42 -2.81
CA GLN A 14 1.59 1.35 -2.42
C GLN A 14 0.74 0.73 -1.30
N GLU A 15 0.31 -0.53 -1.46
CA GLU A 15 -0.49 -1.25 -0.49
C GLU A 15 0.16 -1.23 0.89
N LEU A 16 1.42 -1.70 0.96
CA LEU A 16 2.20 -1.76 2.19
C LEU A 16 2.36 -0.37 2.81
N HIS A 17 2.64 0.66 2.00
CA HIS A 17 2.78 2.03 2.47
C HIS A 17 1.49 2.53 3.12
N LYS A 18 0.35 2.38 2.43
CA LYS A 18 -0.94 2.85 2.88
C LYS A 18 -1.31 2.28 4.24
N LEU A 19 -1.25 0.95 4.40
CA LEU A 19 -1.62 0.29 5.66
C LEU A 19 -0.61 0.54 6.78
N GLN A 20 0.68 0.71 6.44
CA GLN A 20 1.71 1.01 7.42
C GLN A 20 1.49 2.42 7.99
N THR A 21 1.59 3.43 7.13
CA THR A 21 1.30 4.83 7.44
C THR A 21 -0.07 5.18 6.88
N TYR A 22 -1.12 4.88 7.67
CA TYR A 22 -2.48 5.32 7.38
C TYR A 22 -2.63 6.84 7.26
N PRO A 23 -1.86 7.68 7.99
CA PRO A 23 -1.85 9.12 7.75
C PRO A 23 -1.43 9.43 6.31
N ARG A 24 -0.41 8.73 5.82
CA ARG A 24 0.13 8.84 4.47
C ARG A 24 0.99 10.10 4.36
N THR A 25 2.17 9.98 3.74
CA THR A 25 3.15 11.06 3.58
C THR A 25 2.76 12.02 2.45
N ASP A 26 1.50 12.50 2.47
CA ASP A 26 0.94 13.48 1.57
C ASP A 26 -0.21 14.19 2.29
N VAL A 27 -1.19 13.41 2.75
CA VAL A 27 -2.40 13.89 3.40
C VAL A 27 -2.11 14.21 4.87
N GLY A 28 -1.66 13.20 5.63
CA GLY A 28 -1.50 13.28 7.07
C GLY A 28 -2.86 13.16 7.76
N ALA A 29 -3.58 12.07 7.46
CA ALA A 29 -4.94 11.80 7.92
C ALA A 29 -4.94 11.20 9.34
N GLY A 30 -6.14 10.98 9.88
CA GLY A 30 -6.38 10.35 11.17
C GLY A 30 -7.51 9.35 11.03
N THR A 31 -7.21 8.19 10.43
CA THR A 31 -8.19 7.18 10.09
C THR A 31 -8.96 6.63 11.31
N PRO A 32 -8.32 6.31 12.44
CA PRO A 32 -9.00 5.85 13.64
C PRO A 32 -10.05 6.84 14.15
N NH2 A 33 -11.12 6.33 14.75
HN1 NH2 A 33 -11.85 6.94 15.10
HN2 NH2 A 33 -11.20 5.32 14.87
C1 NAG B . 4.71 -1.38 -17.26
C2 NAG B . 6.05 -0.68 -17.53
C3 NAG B . 6.05 0.67 -16.82
C4 NAG B . 4.85 1.50 -17.28
C5 NAG B . 3.54 0.72 -17.11
C6 NAG B . 2.36 1.48 -17.71
C7 NAG B . 7.83 -2.34 -17.87
C8 NAG B . 8.97 -3.13 -17.22
N2 NAG B . 7.17 -1.49 -17.08
O3 NAG B . 7.25 1.36 -17.07
O4 NAG B . 4.80 2.71 -16.57
O5 NAG B . 3.63 -0.56 -17.73
O6 NAG B . 1.19 0.71 -17.62
O7 NAG B . 7.57 -2.52 -19.06
H1 NAG B . 4.58 -1.54 -16.17
H2 NAG B . 6.12 -0.49 -18.61
H3 NAG B . 5.94 0.50 -15.74
H4 NAG B . 4.98 1.71 -18.36
H5 NAG B . 3.36 0.56 -16.03
H61 NAG B . 2.57 1.70 -18.75
H62 NAG B . 2.21 2.42 -17.15
H81 NAG B . 9.70 -2.43 -16.81
H82 NAG B . 8.58 -3.75 -16.42
H83 NAG B . 9.46 -3.76 -17.96
HN2 NAG B . 7.46 -1.39 -16.12
HO3 NAG B . 7.24 2.22 -16.61
HO4 NAG B . 4.70 2.52 -15.62
HO6 NAG B . 0.46 1.20 -18.02
N CYS A 1 -2.43 -1.90 -17.04
CA CYS A 1 -1.09 -2.46 -16.85
C CYS A 1 -0.82 -3.62 -17.80
N SER A 2 0.08 -3.40 -18.77
CA SER A 2 0.44 -4.38 -19.79
C SER A 2 1.51 -5.34 -19.24
N ASN A 3 2.65 -4.80 -18.81
CA ASN A 3 3.80 -5.57 -18.36
C ASN A 3 3.50 -6.38 -17.09
N LEU A 4 2.75 -5.80 -16.15
CA LEU A 4 2.40 -6.40 -14.87
C LEU A 4 3.67 -6.84 -14.13
N SER A 5 4.59 -5.88 -13.93
CA SER A 5 5.87 -6.09 -13.27
C SER A 5 6.21 -4.85 -12.47
N THR A 6 6.45 -3.72 -13.17
CA THR A 6 6.62 -2.41 -12.57
C THR A 6 5.33 -1.99 -11.87
N CYS A 7 4.19 -2.20 -12.55
CA CYS A 7 2.85 -1.96 -12.02
C CYS A 7 2.60 -2.79 -10.76
N VAL A 8 2.92 -4.10 -10.79
CA VAL A 8 2.72 -5.01 -9.68
C VAL A 8 3.53 -4.57 -8.46
N LEU A 9 4.85 -4.36 -8.64
CA LEU A 9 5.75 -3.89 -7.59
C LEU A 9 5.28 -2.56 -7.00
N GLY A 10 4.85 -1.63 -7.87
CA GLY A 10 4.32 -0.34 -7.48
C GLY A 10 3.07 -0.47 -6.61
N LYS A 11 2.15 -1.34 -7.02
CA LYS A 11 0.86 -1.54 -6.36
C LYS A 11 1.05 -2.12 -4.95
N LEU A 12 1.80 -3.21 -4.82
CA LEU A 12 2.02 -3.85 -3.52
C LEU A 12 2.84 -2.96 -2.59
N SER A 13 3.81 -2.21 -3.13
CA SER A 13 4.59 -1.25 -2.35
C SER A 13 3.70 -0.15 -1.78
N GLN A 14 2.83 0.42 -2.64
CA GLN A 14 1.86 1.44 -2.28
C GLN A 14 0.91 0.94 -1.19
N GLU A 15 0.40 -0.30 -1.35
CA GLU A 15 -0.53 -0.91 -0.41
C GLU A 15 0.11 -1.07 0.97
N LEU A 16 1.29 -1.71 1.02
CA LEU A 16 2.03 -1.96 2.24
C LEU A 16 2.36 -0.65 2.96
N HIS A 17 2.78 0.37 2.19
CA HIS A 17 3.05 1.71 2.71
C HIS A 17 1.78 2.32 3.31
N LYS A 18 0.64 2.23 2.60
CA LYS A 18 -0.61 2.87 2.98
C LYS A 18 -1.10 2.34 4.33
N LEU A 19 -1.19 1.02 4.48
CA LEU A 19 -1.67 0.40 5.71
C LEU A 19 -0.68 0.58 6.87
N GLN A 20 0.62 0.63 6.59
CA GLN A 20 1.65 0.85 7.60
C GLN A 20 1.56 2.26 8.17
N THR A 21 1.54 3.26 7.28
CA THR A 21 1.42 4.67 7.63
C THR A 21 0.10 4.92 8.36
N TYR A 22 -1.01 4.39 7.81
CA TYR A 22 -2.36 4.55 8.31
C TYR A 22 -2.73 6.03 8.46
N PRO A 23 -2.85 6.77 7.34
CA PRO A 23 -3.23 8.17 7.35
C PRO A 23 -4.70 8.28 7.75
N ARG A 24 -4.97 8.83 8.94
CA ARG A 24 -6.30 8.88 9.52
C ARG A 24 -7.15 9.91 8.78
N THR A 25 -8.13 9.41 8.01
CA THR A 25 -9.08 10.23 7.27
C THR A 25 -10.12 10.82 8.22
N ASP A 26 -10.87 9.95 8.91
CA ASP A 26 -11.98 10.32 9.78
C ASP A 26 -11.53 10.32 11.25
N VAL A 27 -12.41 10.84 12.12
CA VAL A 27 -12.22 10.88 13.56
C VAL A 27 -12.57 9.52 14.16
N GLY A 28 -13.76 8.99 13.80
CA GLY A 28 -14.19 7.66 14.20
C GLY A 28 -13.46 6.61 13.36
N ALA A 29 -12.25 6.24 13.82
CA ALA A 29 -11.28 5.43 13.10
C ALA A 29 -10.72 6.18 11.88
N GLY A 30 -9.57 5.72 11.37
CA GLY A 30 -8.91 6.33 10.22
C GLY A 30 -9.49 5.81 8.91
N THR A 31 -10.83 5.84 8.79
CA THR A 31 -11.59 5.27 7.70
C THR A 31 -13.05 5.72 7.86
N PRO A 32 -13.76 6.03 6.77
CA PRO A 32 -15.17 6.42 6.83
C PRO A 32 -16.05 5.20 7.08
N NH2 A 33 -17.28 5.43 7.56
HN1 NH2 A 33 -17.58 6.38 7.73
HN2 NH2 A 33 -17.91 4.66 7.75
C1 NAG B . 4.40 -1.18 -16.80
C2 NAG B . 5.62 -0.32 -17.19
C3 NAG B . 5.62 0.97 -16.37
C4 NAG B . 4.31 1.70 -16.59
C5 NAG B . 3.11 0.79 -16.27
C6 NAG B . 1.78 1.49 -16.58
C7 NAG B . 7.50 -1.73 -17.94
C8 NAG B . 8.79 -2.44 -17.54
N2 NAG B . 6.87 -1.05 -16.98
O3 NAG B . 6.70 1.79 -16.75
O4 NAG B . 4.27 2.85 -15.77
O5 NAG B . 3.21 -0.43 -17.03
O6 NAG B . 0.70 0.64 -16.22
O7 NAG B . 7.10 -1.80 -19.11
H1 NAG B . 4.45 -1.42 -15.73
H2 NAG B . 5.53 -0.04 -18.24
H3 NAG B . 5.70 0.70 -15.30
H4 NAG B . 4.24 1.99 -17.65
H5 NAG B . 3.14 0.53 -15.20
H61 NAG B . 1.73 1.70 -17.65
H62 NAG B . 1.71 2.40 -16.02
H81 NAG B . 9.47 -1.74 -17.08
H82 NAG B . 8.55 -3.23 -16.82
H83 NAG B . 9.26 -2.89 -18.42
HN2 NAG B . 7.27 -1.03 -16.05
HO3 NAG B . 6.64 2.00 -17.69
HO4 NAG B . 5.02 3.42 -15.98
HO6 NAG B . 0.77 0.47 -15.28
N CYS A 1 -1.96 -0.79 -15.31
CA CYS A 1 -1.11 -1.97 -15.06
C CYS A 1 -0.20 -2.23 -16.25
N SER A 2 -0.63 -3.07 -17.21
CA SER A 2 -0.01 -3.27 -18.51
C SER A 2 1.49 -3.59 -18.45
N ASN A 3 1.90 -4.44 -17.49
CA ASN A 3 3.28 -4.88 -17.33
C ASN A 3 3.32 -6.27 -16.71
N LEU A 4 2.61 -6.45 -15.58
CA LEU A 4 2.69 -7.60 -14.70
C LEU A 4 4.12 -7.75 -14.15
N SER A 5 4.73 -6.62 -13.76
CA SER A 5 6.09 -6.55 -13.22
C SER A 5 6.27 -5.20 -12.55
N THR A 6 6.32 -4.12 -13.34
CA THR A 6 6.26 -2.75 -12.85
C THR A 6 4.92 -2.51 -12.14
N CYS A 7 3.85 -3.07 -12.72
CA CYS A 7 2.51 -3.09 -12.16
C CYS A 7 2.51 -3.77 -10.78
N VAL A 8 3.13 -4.95 -10.67
CA VAL A 8 3.18 -5.74 -9.45
C VAL A 8 3.93 -4.98 -8.35
N LEU A 9 5.13 -4.47 -8.67
CA LEU A 9 5.95 -3.69 -7.76
C LEU A 9 5.21 -2.45 -7.27
N GLY A 10 4.54 -1.73 -8.18
CA GLY A 10 3.74 -0.55 -7.88
C GLY A 10 2.60 -0.88 -6.93
N LYS A 11 1.88 -1.98 -7.21
CA LYS A 11 0.73 -2.43 -6.44
C LYS A 11 1.12 -2.73 -4.99
N LEU A 12 2.11 -3.61 -4.78
CA LEU A 12 2.52 -4.01 -3.44
C LEU A 12 3.16 -2.85 -2.67
N SER A 13 3.90 -1.98 -3.36
CA SER A 13 4.50 -0.79 -2.74
C SER A 13 3.40 0.13 -2.21
N GLN A 14 2.40 0.43 -3.05
CA GLN A 14 1.24 1.24 -2.70
C GLN A 14 0.50 0.64 -1.50
N GLU A 15 0.22 -0.67 -1.54
CA GLU A 15 -0.53 -1.37 -0.50
C GLU A 15 0.20 -1.29 0.84
N LEU A 16 1.49 -1.66 0.87
CA LEU A 16 2.30 -1.66 2.07
C LEU A 16 2.42 -0.25 2.66
N HIS A 17 2.62 0.76 1.81
CA HIS A 17 2.73 2.16 2.25
C HIS A 17 1.39 2.70 2.78
N LYS A 18 0.28 2.28 2.17
CA LYS A 18 -1.06 2.67 2.59
C LYS A 18 -1.35 2.15 3.99
N LEU A 19 -1.02 0.87 4.25
CA LEU A 19 -1.13 0.27 5.57
C LEU A 19 -0.05 0.87 6.48
N GLN A 20 1.17 0.33 6.42
CA GLN A 20 2.38 0.84 7.04
C GLN A 20 2.32 0.81 8.57
N THR A 21 1.59 1.76 9.16
CA THR A 21 1.33 1.85 10.60
C THR A 21 -0.01 1.16 10.92
N TYR A 22 -1.04 1.40 10.11
CA TYR A 22 -2.38 0.83 10.22
C TYR A 22 -2.89 0.72 11.67
N PRO A 23 -3.13 1.85 12.35
CA PRO A 23 -3.58 1.86 13.74
C PRO A 23 -5.04 1.43 13.85
N ARG A 24 -5.43 0.92 15.02
CA ARG A 24 -6.79 0.48 15.31
C ARG A 24 -7.73 1.69 15.27
N THR A 25 -7.50 2.66 16.15
CA THR A 25 -8.21 3.93 16.15
C THR A 25 -7.72 4.79 15.00
N ASP A 26 -8.63 5.60 14.42
CA ASP A 26 -8.34 6.46 13.28
C ASP A 26 -9.37 7.58 13.21
N VAL A 27 -10.65 7.21 13.12
CA VAL A 27 -11.78 8.14 13.02
C VAL A 27 -13.02 7.46 13.61
N GLY A 28 -13.90 8.26 14.24
CA GLY A 28 -15.12 7.77 14.85
C GLY A 28 -15.81 8.91 15.59
N ALA A 29 -15.19 9.37 16.69
CA ALA A 29 -15.64 10.44 17.56
C ALA A 29 -16.90 10.05 18.35
N GLY A 30 -18.06 10.02 17.68
CA GLY A 30 -19.34 9.63 18.27
C GLY A 30 -19.45 8.11 18.30
N THR A 31 -18.66 7.47 19.15
CA THR A 31 -18.61 6.03 19.32
C THR A 31 -18.03 5.70 20.70
N PRO A 32 -18.56 4.69 21.42
CA PRO A 32 -18.05 4.30 22.72
C PRO A 32 -16.68 3.63 22.61
N NH2 A 33 -16.48 2.76 21.62
HN1 NH2 A 33 -17.24 2.56 20.97
HN2 NH2 A 33 -15.59 2.31 21.51
C1 NAG B . 4.03 -0.12 -16.91
C2 NAG B . 3.06 0.40 -17.96
C3 NAG B . 3.23 1.91 -18.19
C4 NAG B . 3.14 2.65 -16.87
C5 NAG B . 4.16 2.06 -15.87
C6 NAG B . 4.09 2.74 -14.51
C7 NAG B . 4.25 -0.35 -20.01
C8 NAG B . 4.13 -1.21 -21.27
N2 NAG B . 3.17 -0.33 -19.22
O3 NAG B . 2.24 2.38 -19.08
O4 NAG B . 3.38 4.02 -17.06
O5 NAG B . 3.92 0.66 -15.71
O6 NAG B . 2.83 2.55 -13.90
O7 NAG B . 5.28 0.25 -19.78
H1 NAG B . 5.06 -0.03 -17.27
H2 NAG B . 2.04 0.25 -17.56
H3 NAG B . 4.22 2.10 -18.62
H4 NAG B . 2.13 2.51 -16.45
H5 NAG B . 5.16 2.19 -16.28
H61 NAG B . 4.29 3.81 -14.62
H62 NAG B . 4.86 2.31 -13.86
H81 NAG B . 3.18 -1.01 -21.77
H82 NAG B . 4.95 -0.97 -21.96
H83 NAG B . 4.19 -2.27 -21.01
HN2 NAG B . 2.37 -0.90 -19.48
HO3 NAG B . 2.35 3.34 -19.22
HO4 NAG B . 4.28 4.14 -17.43
HO6 NAG B . 2.83 2.99 -13.04
N CYS A 1 -0.32 -0.59 -17.20
CA CYS A 1 -0.31 -1.89 -16.51
C CYS A 1 -0.55 -3.03 -17.52
N SER A 2 0.44 -3.25 -18.40
CA SER A 2 0.36 -4.19 -19.51
C SER A 2 1.64 -5.03 -19.57
N ASN A 3 1.95 -5.72 -18.46
CA ASN A 3 3.10 -6.59 -18.30
C ASN A 3 3.08 -7.26 -16.92
N LEU A 4 2.60 -6.54 -15.90
CA LEU A 4 2.49 -7.01 -14.52
C LEU A 4 3.89 -7.21 -13.93
N SER A 5 4.62 -6.11 -13.76
CA SER A 5 5.98 -6.10 -13.21
C SER A 5 6.19 -4.76 -12.50
N THR A 6 6.20 -3.66 -13.27
CA THR A 6 6.22 -2.31 -12.73
C THR A 6 4.89 -2.02 -12.01
N CYS A 7 3.78 -2.51 -12.58
CA CYS A 7 2.45 -2.38 -12.03
C CYS A 7 2.32 -3.14 -10.71
N VAL A 8 2.86 -4.37 -10.67
CA VAL A 8 2.87 -5.21 -9.49
C VAL A 8 3.69 -4.55 -8.37
N LEU A 9 4.92 -4.13 -8.70
CA LEU A 9 5.82 -3.43 -7.78
C LEU A 9 5.15 -2.19 -7.20
N GLY A 10 4.54 -1.37 -8.07
CA GLY A 10 3.83 -0.16 -7.68
C GLY A 10 2.68 -0.47 -6.73
N LYS A 11 1.87 -1.49 -7.05
CA LYS A 11 0.71 -1.87 -6.25
C LYS A 11 1.11 -2.31 -4.85
N LEU A 12 2.02 -3.29 -4.72
CA LEU A 12 2.41 -3.80 -3.41
C LEU A 12 3.13 -2.75 -2.58
N SER A 13 3.95 -1.88 -3.21
CA SER A 13 4.63 -0.79 -2.54
C SER A 13 3.62 0.18 -1.93
N GLN A 14 2.67 0.65 -2.74
CA GLN A 14 1.60 1.54 -2.34
C GLN A 14 0.77 0.94 -1.20
N GLU A 15 0.36 -0.32 -1.35
CA GLU A 15 -0.49 -1.03 -0.42
C GLU A 15 0.18 -1.16 0.95
N LEU A 16 1.37 -1.76 0.99
CA LEU A 16 2.13 -1.99 2.22
C LEU A 16 2.45 -0.68 2.92
N HIS A 17 2.83 0.37 2.16
CA HIS A 17 3.09 1.69 2.70
C HIS A 17 1.83 2.26 3.35
N LYS A 18 0.70 2.24 2.63
CA LYS A 18 -0.54 2.85 3.06
C LYS A 18 -1.03 2.26 4.38
N LEU A 19 -1.20 0.94 4.45
CA LEU A 19 -1.71 0.26 5.63
C LEU A 19 -0.79 0.45 6.85
N GLN A 20 0.53 0.55 6.61
CA GLN A 20 1.51 0.84 7.66
C GLN A 20 1.29 2.27 8.19
N THR A 21 1.20 3.25 7.29
CA THR A 21 0.94 4.65 7.61
C THR A 21 -0.57 4.91 7.74
N TYR A 22 -1.29 4.00 8.43
CA TYR A 22 -2.71 4.11 8.68
C TYR A 22 -3.05 3.28 9.92
N PRO A 23 -2.85 3.83 11.14
CA PRO A 23 -3.22 3.20 12.39
C PRO A 23 -4.68 2.78 12.39
N ARG A 24 -4.93 1.48 12.54
CA ARG A 24 -6.23 0.84 12.34
C ARG A 24 -6.67 1.06 10.90
N THR A 25 -6.25 0.15 10.02
CA THR A 25 -6.61 0.16 8.60
C THR A 25 -8.05 -0.37 8.46
N ASP A 26 -8.89 0.39 7.74
CA ASP A 26 -10.29 0.05 7.49
C ASP A 26 -10.79 0.76 6.24
N VAL A 27 -12.07 0.53 5.89
CA VAL A 27 -12.72 1.16 4.77
C VAL A 27 -14.23 1.21 5.03
N GLY A 28 -14.90 2.27 4.55
CA GLY A 28 -16.34 2.44 4.65
C GLY A 28 -17.03 1.67 3.54
N ALA A 29 -17.07 0.34 3.67
CA ALA A 29 -17.65 -0.59 2.71
C ALA A 29 -16.99 -0.45 1.34
N GLY A 30 -15.78 -1.00 1.21
CA GLY A 30 -15.00 -1.00 -0.03
C GLY A 30 -15.52 -2.07 -0.97
N THR A 31 -16.70 -1.82 -1.56
CA THR A 31 -17.42 -2.75 -2.42
C THR A 31 -17.86 -2.01 -3.70
N PRO A 32 -16.93 -1.71 -4.62
CA PRO A 32 -17.23 -0.99 -5.86
C PRO A 32 -17.89 -1.94 -6.87
N NH2 A 33 -19.20 -2.12 -6.76
HN1 NH2 A 33 -19.69 -2.74 -7.39
HN2 NH2 A 33 -19.71 -1.68 -6.00
C1 NAG B . 4.62 -2.10 -18.02
C2 NAG B . 6.06 -1.70 -18.33
C3 NAG B . 6.34 -0.25 -17.93
C4 NAG B . 5.30 0.67 -18.58
C5 NAG B . 3.89 0.20 -18.22
C6 NAG B . 2.80 1.06 -18.87
C7 NAG B . 8.09 -3.08 -18.21
C8 NAG B . 8.91 -4.06 -17.37
N2 NAG B . 6.99 -2.59 -17.65
O3 NAG B . 7.64 0.13 -18.34
O4 NAG B . 5.51 1.99 -18.14
O5 NAG B . 3.71 -1.16 -18.64
O6 NAG B . 2.92 1.05 -20.28
O7 NAG B . 8.46 -2.80 -19.35
H1 NAG B . 4.43 -2.06 -16.94
H2 NAG B . 6.21 -1.78 -19.42
H3 NAG B . 6.25 -0.16 -16.85
H4 NAG B . 5.43 0.62 -19.67
H5 NAG B . 3.77 0.23 -17.13
H61 NAG B . 2.89 2.09 -18.50
H62 NAG B . 1.82 0.67 -18.58
H81 NAG B . 9.70 -4.50 -17.98
H82 NAG B . 9.36 -3.53 -16.53
H83 NAG B . 8.27 -4.86 -17.00
HN2 NAG B . 6.74 -2.88 -16.71
HO3 NAG B . 8.29 -0.46 -17.92
HO4 NAG B . 4.88 2.59 -18.61
HO6 NAG B . 2.84 0.15 -20.58
N CYS A 1 -1.20 -1.36 -17.43
CA CYS A 1 -0.49 -2.42 -16.69
C CYS A 1 -0.60 -3.76 -17.43
N SER A 2 -0.05 -3.80 -18.66
CA SER A 2 -0.04 -4.96 -19.53
C SER A 2 1.13 -5.87 -19.17
N ASN A 3 2.31 -5.28 -18.98
CA ASN A 3 3.54 -5.99 -18.63
C ASN A 3 3.43 -6.72 -17.29
N LEU A 4 2.68 -6.16 -16.34
CA LEU A 4 2.44 -6.74 -15.02
C LEU A 4 3.76 -6.97 -14.29
N SER A 5 4.51 -5.89 -14.02
CA SER A 5 5.81 -5.95 -13.37
C SER A 5 6.07 -4.66 -12.60
N THR A 6 6.31 -3.55 -13.30
CA THR A 6 6.58 -2.26 -12.67
C THR A 6 5.35 -1.80 -11.89
N CYS A 7 4.19 -1.83 -12.55
CA CYS A 7 2.89 -1.49 -11.99
C CYS A 7 2.52 -2.41 -10.82
N VAL A 8 2.84 -3.71 -10.90
CA VAL A 8 2.56 -4.67 -9.85
C VAL A 8 3.38 -4.34 -8.59
N LEU A 9 4.70 -4.21 -8.74
CA LEU A 9 5.61 -3.86 -7.66
C LEU A 9 5.22 -2.52 -7.03
N GLY A 10 4.85 -1.53 -7.87
CA GLY A 10 4.39 -0.22 -7.44
C GLY A 10 3.13 -0.32 -6.57
N LYS A 11 2.14 -1.10 -7.01
CA LYS A 11 0.88 -1.30 -6.31
C LYS A 11 1.13 -1.93 -4.94
N LEU A 12 1.90 -3.03 -4.90
CA LEU A 12 2.22 -3.74 -3.66
C LEU A 12 2.97 -2.83 -2.68
N SER A 13 3.97 -2.10 -3.18
CA SER A 13 4.76 -1.18 -2.38
C SER A 13 3.88 -0.10 -1.74
N GLN A 14 2.98 0.50 -2.54
CA GLN A 14 2.05 1.52 -2.06
C GLN A 14 1.03 0.94 -1.08
N GLU A 15 0.58 -0.30 -1.31
CA GLU A 15 -0.40 -0.98 -0.48
C GLU A 15 0.14 -1.20 0.93
N LEU A 16 1.28 -1.90 1.06
CA LEU A 16 1.88 -2.17 2.36
C LEU A 16 2.30 -0.89 3.08
N HIS A 17 2.68 0.15 2.32
CA HIS A 17 3.02 1.47 2.86
C HIS A 17 1.80 2.12 3.51
N LYS A 18 0.72 2.31 2.74
CA LYS A 18 -0.43 3.08 3.19
C LYS A 18 -1.12 2.44 4.40
N LEU A 19 -1.33 1.11 4.39
CA LEU A 19 -2.00 0.43 5.50
C LEU A 19 -1.16 0.46 6.78
N GLN A 20 0.17 0.45 6.66
CA GLN A 20 1.08 0.49 7.79
C GLN A 20 1.05 1.87 8.44
N THR A 21 1.41 2.91 7.68
CA THR A 21 1.53 4.28 8.17
C THR A 21 0.18 4.90 8.51
N TYR A 22 -0.90 4.45 7.85
CA TYR A 22 -2.27 4.88 8.11
C TYR A 22 -3.13 3.61 8.27
N PRO A 23 -3.45 3.18 9.50
CA PRO A 23 -4.28 2.02 9.75
C PRO A 23 -5.74 2.35 9.43
N ARG A 24 -6.06 2.37 8.14
CA ARG A 24 -7.30 2.87 7.58
C ARG A 24 -7.35 2.43 6.11
N THR A 25 -8.46 1.77 5.72
CA THR A 25 -8.68 1.31 4.36
C THR A 25 -8.80 2.50 3.41
N ASP A 26 -9.66 3.46 3.75
CA ASP A 26 -9.94 4.65 2.96
C ASP A 26 -8.74 5.60 2.98
N VAL A 27 -7.89 5.51 1.94
CA VAL A 27 -6.73 6.34 1.67
C VAL A 27 -5.67 6.31 2.79
N GLY A 28 -4.52 6.94 2.51
CA GLY A 28 -3.38 7.00 3.41
C GLY A 28 -2.20 7.63 2.68
N ALA A 29 -1.12 6.87 2.51
CA ALA A 29 0.02 7.26 1.70
C ALA A 29 -0.36 7.25 0.21
N GLY A 30 -1.19 6.28 -0.20
CA GLY A 30 -1.74 6.19 -1.54
C GLY A 30 -2.93 7.13 -1.67
N THR A 31 -2.66 8.43 -1.67
CA THR A 31 -3.66 9.48 -1.78
C THR A 31 -4.11 9.60 -3.24
N PRO A 32 -5.42 9.50 -3.54
CA PRO A 32 -5.96 9.67 -4.89
C PRO A 32 -5.52 10.97 -5.55
N NH2 A 33 -5.29 10.93 -6.87
HN1 NH2 A 33 -5.40 10.07 -7.37
HN2 NH2 A 33 -5.00 11.77 -7.35
C1 NAG B . 4.08 -1.54 -17.25
C2 NAG B . 5.18 -0.65 -17.85
C3 NAG B . 5.17 0.77 -17.27
C4 NAG B . 3.76 1.35 -17.28
C5 NAG B . 2.81 0.38 -16.56
C6 NAG B . 1.38 0.90 -16.44
C7 NAG B . 7.15 -1.94 -18.54
C8 NAG B . 8.49 -2.54 -18.12
N2 NAG B . 6.48 -1.25 -17.62
O3 NAG B . 6.03 1.60 -18.02
O4 NAG B . 3.76 2.62 -16.63
O5 NAG B . 2.82 -0.86 -17.28
O6 NAG B . 0.81 1.12 -17.72
O7 NAG B . 6.74 -2.11 -19.69
H1 NAG B . 4.28 -1.76 -16.20
H2 NAG B . 4.99 -0.56 -18.92
H3 NAG B . 5.51 0.74 -16.23
H4 NAG B . 3.43 1.48 -18.31
H5 NAG B . 3.21 0.18 -15.56
H61 NAG B . 1.38 1.84 -15.88
H62 NAG B . 0.78 0.17 -15.90
H81 NAG B . 9.11 -1.77 -17.66
H82 NAG B . 8.31 -3.34 -17.40
H83 NAG B . 9.01 -2.95 -18.98
HN2 NAG B . 6.87 -1.17 -16.69
HO3 NAG B . 6.03 2.50 -17.64
HO4 NAG B . 2.88 3.00 -16.68
HO6 NAG B . 0.82 0.29 -18.20
N CYS A 1 -1.77 -0.94 -15.82
CA CYS A 1 -0.90 -2.13 -15.85
C CYS A 1 -0.93 -2.80 -17.23
N SER A 2 -0.12 -2.28 -18.15
CA SER A 2 0.19 -2.94 -19.40
C SER A 2 1.06 -4.16 -19.11
N ASN A 3 2.16 -3.93 -18.38
CA ASN A 3 3.06 -4.96 -17.88
C ASN A 3 2.50 -5.61 -16.61
N LEU A 4 3.23 -6.60 -16.09
CA LEU A 4 2.92 -7.31 -14.87
C LEU A 4 4.20 -7.59 -14.09
N SER A 5 4.97 -6.53 -13.80
CA SER A 5 6.24 -6.60 -13.10
C SER A 5 6.49 -5.31 -12.33
N THR A 6 6.67 -4.19 -13.05
CA THR A 6 6.74 -2.86 -12.46
C THR A 6 5.35 -2.48 -11.90
N CYS A 7 4.28 -2.91 -12.57
CA CYS A 7 2.92 -2.90 -12.07
C CYS A 7 2.85 -3.56 -10.69
N VAL A 8 3.31 -4.82 -10.60
CA VAL A 8 3.22 -5.63 -9.40
C VAL A 8 3.97 -4.97 -8.24
N LEU A 9 5.24 -4.60 -8.47
CA LEU A 9 6.05 -3.89 -7.49
C LEU A 9 5.38 -2.59 -7.03
N GLY A 10 4.76 -1.86 -7.98
CA GLY A 10 4.03 -0.64 -7.72
C GLY A 10 2.86 -0.87 -6.76
N LYS A 11 2.05 -1.92 -7.02
CA LYS A 11 0.89 -2.27 -6.21
C LYS A 11 1.29 -2.71 -4.81
N LEU A 12 2.36 -3.50 -4.67
CA LEU A 12 2.89 -3.95 -3.39
C LEU A 12 3.39 -2.75 -2.57
N SER A 13 4.14 -1.85 -3.21
CA SER A 13 4.65 -0.63 -2.57
C SER A 13 3.51 0.27 -2.10
N GLN A 14 2.49 0.45 -2.95
CA GLN A 14 1.30 1.24 -2.66
C GLN A 14 0.57 0.66 -1.44
N GLU A 15 0.33 -0.65 -1.44
CA GLU A 15 -0.32 -1.37 -0.35
C GLU A 15 0.46 -1.22 0.95
N LEU A 16 1.78 -1.41 0.90
CA LEU A 16 2.66 -1.34 2.06
C LEU A 16 2.59 0.05 2.71
N HIS A 17 2.69 1.11 1.90
CA HIS A 17 2.61 2.48 2.35
C HIS A 17 1.22 2.80 2.92
N LYS A 18 0.16 2.39 2.21
CA LYS A 18 -1.22 2.67 2.55
C LYS A 18 -1.58 2.06 3.90
N LEU A 19 -1.40 0.75 4.05
CA LEU A 19 -1.72 0.03 5.28
C LEU A 19 -0.68 0.37 6.35
N GLN A 20 0.57 -0.06 6.15
CA GLN A 20 1.72 0.20 7.01
C GLN A 20 1.65 -0.58 8.32
N THR A 21 0.67 -0.28 9.18
CA THR A 21 0.51 -0.89 10.49
C THR A 21 0.19 -2.38 10.39
N TYR A 22 -0.69 -2.77 9.46
CA TYR A 22 -1.08 -4.15 9.25
C TYR A 22 0.08 -5.01 8.73
N PRO A 23 0.70 -4.72 7.57
CA PRO A 23 1.84 -5.48 7.08
C PRO A 23 3.08 -5.22 7.94
N ARG A 24 4.06 -6.13 7.84
CA ARG A 24 5.32 -6.02 8.56
C ARG A 24 6.25 -5.05 7.83
N THR A 25 6.12 -3.76 8.16
CA THR A 25 6.98 -2.71 7.62
C THR A 25 8.31 -2.73 8.36
N ASP A 26 9.19 -3.66 7.97
CA ASP A 26 10.44 -3.93 8.65
C ASP A 26 11.49 -2.88 8.27
N VAL A 27 12.19 -2.34 9.28
CA VAL A 27 13.29 -1.42 9.10
C VAL A 27 14.43 -2.14 8.36
N GLY A 28 14.87 -3.27 8.92
CA GLY A 28 15.84 -4.16 8.29
C GLY A 28 15.14 -5.11 7.31
N ALA A 29 15.91 -6.02 6.70
CA ALA A 29 15.42 -7.00 5.75
C ALA A 29 14.77 -8.17 6.50
N GLY A 30 13.44 -8.15 6.61
CA GLY A 30 12.66 -9.19 7.28
C GLY A 30 12.58 -8.92 8.78
N THR A 31 13.74 -8.75 9.43
CA THR A 31 13.84 -8.37 10.84
C THR A 31 13.61 -6.87 10.94
N PRO A 32 12.73 -6.39 11.84
CA PRO A 32 12.44 -4.97 12.02
C PRO A 32 13.55 -4.31 12.86
N NH2 A 33 14.74 -4.15 12.28
HN1 NH2 A 33 15.50 -3.72 12.78
HN2 NH2 A 33 14.87 -4.48 11.33
C1 NAG B . 4.04 -1.07 -15.70
C2 NAG B . 4.85 0.11 -16.26
C3 NAG B . 4.82 1.30 -15.29
C4 NAG B . 3.37 1.65 -14.96
C5 NAG B . 2.63 0.43 -14.44
C6 NAG B . 1.16 0.72 -14.11
C7 NAG B . 6.69 -0.79 -17.64
C8 NAG B . 8.17 -1.18 -17.67
N2 NAG B . 6.23 -0.29 -16.48
O3 NAG B . 5.47 2.41 -15.87
O4 NAG B . 3.35 2.70 -14.00
O5 NAG B . 2.70 -0.64 -15.39
O6 NAG B . 0.48 1.15 -15.26
O7 NAG B . 5.99 -0.93 -18.64
H1 NAG B . 4.49 -1.40 -14.75
H2 NAG B . 4.40 0.43 -17.21
H3 NAG B . 5.32 1.01 -14.37
H4 NAG B . 2.88 2.00 -15.89
H5 NAG B . 3.12 0.07 -13.51
H61 NAG B . 1.11 1.48 -13.34
H62 NAG B . 0.70 -0.20 -13.74
H81 NAG B . 8.34 -2.00 -16.97
H82 NAG B . 8.44 -1.50 -18.67
H83 NAG B . 8.78 -0.32 -17.39
HN2 NAG B . 6.88 -0.20 -15.72
HO3 NAG B . 5.44 3.16 -15.25
HO4 NAG B . 2.44 2.96 -13.84
HO6 NAG B . -0.44 1.33 -15.03
N CYS A 1 -1.21 -0.77 -16.80
CA CYS A 1 -0.80 -2.03 -16.15
C CYS A 1 -0.60 -3.15 -17.18
N SER A 2 0.22 -2.86 -18.20
CA SER A 2 0.49 -3.76 -19.32
C SER A 2 1.56 -4.79 -18.96
N ASN A 3 2.63 -4.34 -18.30
CA ASN A 3 3.80 -5.16 -18.00
C ASN A 3 3.46 -6.32 -17.06
N LEU A 4 2.65 -6.05 -16.03
CA LEU A 4 2.40 -6.96 -14.92
C LEU A 4 3.72 -7.28 -14.20
N SER A 5 4.48 -6.23 -13.88
CA SER A 5 5.79 -6.32 -13.25
C SER A 5 6.08 -4.99 -12.54
N THR A 6 6.20 -3.91 -13.31
CA THR A 6 6.28 -2.56 -12.77
C THR A 6 4.98 -2.23 -12.04
N CYS A 7 3.84 -2.62 -12.62
CA CYS A 7 2.52 -2.49 -12.04
C CYS A 7 2.40 -3.25 -10.72
N VAL A 8 2.88 -4.50 -10.70
CA VAL A 8 2.83 -5.38 -9.54
C VAL A 8 3.65 -4.79 -8.38
N LEU A 9 4.91 -4.44 -8.66
CA LEU A 9 5.82 -3.83 -7.68
C LEU A 9 5.24 -2.53 -7.14
N GLY A 10 4.71 -1.67 -8.02
CA GLY A 10 4.09 -0.41 -7.65
C GLY A 10 2.89 -0.62 -6.74
N LYS A 11 2.03 -1.60 -7.07
CA LYS A 11 0.80 -1.90 -6.35
C LYS A 11 1.11 -2.36 -4.92
N LEU A 12 1.95 -3.39 -4.76
CA LEU A 12 2.27 -3.93 -3.44
C LEU A 12 3.06 -2.94 -2.59
N SER A 13 3.93 -2.12 -3.21
CA SER A 13 4.67 -1.08 -2.53
C SER A 13 3.71 -0.04 -1.94
N GLN A 14 2.80 0.48 -2.78
CA GLN A 14 1.77 1.42 -2.38
C GLN A 14 0.90 0.86 -1.27
N GLU A 15 0.48 -0.41 -1.38
CA GLU A 15 -0.35 -1.07 -0.38
C GLU A 15 0.35 -1.10 0.98
N LEU A 16 1.61 -1.54 1.01
CA LEU A 16 2.40 -1.61 2.23
C LEU A 16 2.54 -0.24 2.89
N HIS A 17 2.74 0.81 2.09
CA HIS A 17 2.82 2.19 2.58
C HIS A 17 1.48 2.63 3.16
N LYS A 18 0.38 2.31 2.46
CA LYS A 18 -0.98 2.73 2.80
C LYS A 18 -1.38 2.19 4.17
N LEU A 19 -1.26 0.87 4.39
CA LEU A 19 -1.58 0.24 5.67
C LEU A 19 -0.63 0.65 6.79
N GLN A 20 0.55 1.21 6.45
CA GLN A 20 1.52 1.73 7.41
C GLN A 20 1.25 3.19 7.77
N THR A 21 0.45 3.91 6.96
CA THR A 21 0.12 5.31 7.19
C THR A 21 -0.62 5.49 8.53
N TYR A 22 -1.71 4.74 8.73
CA TYR A 22 -2.62 4.94 9.84
C TYR A 22 -1.99 4.55 11.19
N PRO A 23 -1.35 3.38 11.30
CA PRO A 23 -0.51 3.03 12.46
C PRO A 23 0.63 4.03 12.68
N ARG A 24 1.17 4.57 11.56
CA ARG A 24 2.23 5.56 11.50
C ARG A 24 3.60 4.94 11.81
N THR A 25 3.85 4.61 13.08
CA THR A 25 5.16 4.16 13.56
C THR A 25 5.27 2.64 13.36
N ASP A 26 5.28 2.22 12.08
CA ASP A 26 5.31 0.84 11.63
C ASP A 26 4.18 0.01 12.27
N VAL A 27 4.50 -0.71 13.37
CA VAL A 27 3.65 -1.56 14.19
C VAL A 27 2.66 -2.44 13.41
N GLY A 28 1.56 -1.88 12.91
CA GLY A 28 0.64 -2.57 12.01
C GLY A 28 1.16 -2.53 10.58
N ALA A 29 2.40 -3.00 10.38
CA ALA A 29 3.09 -3.05 9.10
C ALA A 29 4.27 -4.02 9.22
N GLY A 30 5.27 -3.90 8.33
CA GLY A 30 6.43 -4.77 8.28
C GLY A 30 7.43 -4.44 9.39
N THR A 31 7.11 -4.83 10.63
CA THR A 31 7.92 -4.61 11.81
C THR A 31 9.26 -5.37 11.75
N PRO A 32 9.30 -6.65 11.31
CA PRO A 32 10.54 -7.41 11.20
C PRO A 32 11.56 -6.73 10.28
N NH2 A 33 12.86 -6.94 10.56
HN1 NH2 A 33 13.57 -6.51 9.97
HN2 NH2 A 33 13.12 -7.51 11.34
C1 NAG B . 6.60 -1.00 -18.21
C2 NAG B . 6.03 0.24 -17.51
C3 NAG B . 6.56 1.50 -18.17
C4 NAG B . 8.08 1.48 -18.14
C5 NAG B . 8.64 0.18 -18.74
C6 NAG B . 10.15 0.07 -18.63
C7 NAG B . 3.75 0.13 -18.52
C8 NAG B . 2.25 0.12 -18.21
N2 NAG B . 4.57 0.22 -17.47
O3 NAG B . 6.07 2.65 -17.50
O4 NAG B . 8.60 2.60 -18.82
O5 NAG B . 8.03 -0.96 -18.12
O6 NAG B . 10.55 0.06 -17.28
O7 NAG B . 4.14 0.06 -19.69
H1 NAG B . 6.34 -0.98 -19.28
H2 NAG B . 6.39 0.23 -16.47
H3 NAG B . 6.24 1.52 -19.23
H4 NAG B . 8.40 1.52 -17.08
H5 NAG B . 8.36 0.14 -19.81
H61 NAG B . 10.63 0.91 -19.14
H62 NAG B . 10.48 -0.86 -19.10
H81 NAG B . 1.96 1.10 -17.83
H82 NAG B . 1.69 -0.10 -19.12
H83 NAG B . 2.05 -0.63 -17.45
HN2 NAG B . 4.15 0.27 -16.55
HO3 NAG B . 6.43 3.45 -17.93
HO4 NAG B . 8.33 2.56 -19.75
HO6 NAG B . 11.51 -0.02 -17.24
#